data_1AJ0
#
_entry.id   1AJ0
#
_cell.length_a   92.910
_cell.length_b   60.670
_cell.length_c   59.820
_cell.angle_alpha   90.00
_cell.angle_beta   114.67
_cell.angle_gamma   90.00
#
_symmetry.space_group_name_H-M   'C 1 21 1'
#
loop_
_entity.id
_entity.type
_entity.pdbx_description
1 polymer 'DIHYDROPTEROATE SYNTHASE'
2 non-polymer 'SULFATE ION'
3 non-polymer 2-AMINO-6-HYDROXYMETHYL-7,8-DIHYDRO-3H-PTERIDIN-4-ONE
4 non-polymer SULFANILAMIDE
5 water water
#
_entity_poly.entity_id   1
_entity_poly.type   'polypeptide(L)'
_entity_poly.pdbx_seq_one_letter_code
;MKLFAQGTSLDLSHPHVMGILNVTPDSFSDGGTHNSLIDAVKHANLMINAGATIIDVGGESTRPGAAEVSVEEELQRVIP
VVEAIAQRFEVWISVDTSKPEVIRESAKVGAHIINDIRSLSEPGALEAAAETGLPVCLMHMQGNPKTMQEAPKYDDVFAE
VNRYFIEQIARCEQAGIAKEKLLLDPGFGFGKNLSHNYSLLARLAEFHHFNLPLLVGMSRKSMIGQLLNVGPSERLSGSL
ACAVIAAMQGAHIIRVHDVKETVEAMRVVEATLSAKENKRYE
;
_entity_poly.pdbx_strand_id   A
#
# COMPACT_ATOMS: atom_id res chain seq x y z
N MET A 1 12.96 11.99 -7.66
CA MET A 1 12.15 10.85 -8.13
C MET A 1 10.67 11.24 -8.00
N LYS A 2 9.97 11.30 -9.12
CA LYS A 2 8.56 11.68 -9.07
C LYS A 2 7.65 10.73 -9.87
N LEU A 3 6.40 10.73 -9.44
CA LEU A 3 5.35 9.93 -10.08
C LEU A 3 4.46 10.99 -10.79
N PHE A 4 3.87 10.56 -11.89
CA PHE A 4 2.99 11.42 -12.68
C PHE A 4 1.70 10.62 -12.93
N ALA A 5 0.62 11.25 -12.52
CA ALA A 5 -0.71 10.65 -12.68
C ALA A 5 -1.78 11.74 -12.62
N GLN A 6 -2.72 11.54 -13.54
CA GLN A 6 -3.90 12.41 -13.64
C GLN A 6 -3.58 13.89 -13.69
N GLY A 7 -2.57 14.28 -14.44
CA GLY A 7 -2.16 15.66 -14.62
C GLY A 7 -1.48 16.30 -13.43
N THR A 8 -0.98 15.46 -12.53
CA THR A 8 -0.29 15.95 -11.32
C THR A 8 0.91 15.08 -11.04
N SER A 9 1.71 15.53 -10.10
CA SER A 9 2.94 14.83 -9.71
C SER A 9 3.05 14.67 -8.20
N LEU A 10 3.85 13.67 -7.87
CA LEU A 10 4.14 13.32 -6.47
C LEU A 10 5.66 13.30 -6.38
N ASP A 11 6.23 14.14 -5.53
CA ASP A 11 7.70 14.15 -5.39
C ASP A 11 8.10 13.17 -4.26
N LEU A 12 8.92 12.20 -4.61
CA LEU A 12 9.40 11.16 -3.69
C LEU A 12 10.74 11.45 -3.05
N SER A 13 11.03 12.71 -2.86
CA SER A 13 12.23 13.25 -2.23
C SER A 13 12.18 13.06 -0.72
N HIS A 14 10.96 12.96 -0.23
CA HIS A 14 10.69 12.79 1.21
C HIS A 14 9.66 11.67 1.40
N PRO A 15 9.65 11.13 2.62
CA PRO A 15 8.71 10.07 2.96
C PRO A 15 7.28 10.58 2.86
N HIS A 16 6.37 9.78 2.35
CA HIS A 16 4.95 10.15 2.25
C HIS A 16 4.18 9.21 3.17
N VAL A 17 3.13 9.60 3.82
CA VAL A 17 2.29 8.79 4.68
C VAL A 17 1.01 8.46 3.89
N MET A 18 0.80 7.16 3.71
CA MET A 18 -0.42 6.76 2.93
C MET A 18 -1.45 6.34 3.98
N GLY A 19 -2.57 7.02 4.10
CA GLY A 19 -3.57 6.61 5.14
C GLY A 19 -4.48 5.52 4.54
N ILE A 20 -5.05 4.68 5.36
CA ILE A 20 -5.93 3.58 4.99
C ILE A 20 -7.40 3.91 5.14
N LEU A 21 -8.16 3.66 4.10
CA LEU A 21 -9.62 3.90 4.16
C LEU A 21 -10.28 2.63 3.63
N ASN A 22 -10.68 1.74 4.50
CA ASN A 22 -11.31 0.47 4.13
C ASN A 22 -12.83 0.68 4.10
N VAL A 23 -13.47 0.43 3.00
CA VAL A 23 -14.93 0.59 2.83
C VAL A 23 -15.54 -0.74 2.39
N THR A 24 -15.31 -1.76 3.20
CA THR A 24 -15.83 -3.10 2.96
C THR A 24 -17.31 -3.18 3.36
N PRO A 25 -17.94 -4.23 2.84
CA PRO A 25 -19.35 -4.51 3.16
C PRO A 25 -19.63 -4.53 4.66
N ASP A 26 -18.70 -4.99 5.49
CA ASP A 26 -18.88 -5.10 6.95
C ASP A 26 -18.72 -3.79 7.70
N SER A 27 -18.18 -2.79 7.02
CA SER A 27 -17.98 -1.46 7.63
C SER A 27 -18.80 -0.40 6.89
N PHE A 28 -18.85 -0.51 5.58
CA PHE A 28 -19.59 0.44 4.72
C PHE A 28 -20.99 -0.18 4.56
N SER A 29 -21.47 -0.53 5.73
CA SER A 29 -22.69 -1.19 6.11
C SER A 29 -24.00 -0.68 5.51
N ASP A 30 -25.01 -1.26 6.14
CA ASP A 30 -26.44 -1.04 5.91
C ASP A 30 -26.80 -1.42 4.47
N GLY A 31 -25.82 -2.05 3.84
CA GLY A 31 -25.93 -2.51 2.45
C GLY A 31 -25.26 -1.54 1.48
N GLY A 32 -25.40 -1.88 0.21
CA GLY A 32 -24.86 -1.15 -0.92
C GLY A 32 -24.82 0.36 -0.75
N THR A 33 -23.75 0.80 -0.12
CA THR A 33 -23.44 2.20 0.16
C THR A 33 -24.56 2.96 0.86
N HIS A 34 -24.40 3.07 2.17
CA HIS A 34 -25.36 3.79 3.02
C HIS A 34 -24.90 5.25 3.12
N ASN A 35 -25.20 5.84 4.27
CA ASN A 35 -24.78 7.24 4.49
C ASN A 35 -23.39 7.13 5.14
N SER A 36 -22.81 5.98 4.81
CA SER A 36 -21.46 5.62 5.25
C SER A 36 -20.49 6.45 4.39
N LEU A 37 -21.08 7.11 3.38
CA LEU A 37 -20.28 7.96 2.49
C LEU A 37 -19.80 9.21 3.23
N ILE A 38 -20.68 9.78 4.04
CA ILE A 38 -20.31 10.98 4.82
C ILE A 38 -19.13 10.58 5.74
N ASP A 39 -19.28 9.39 6.31
CA ASP A 39 -18.30 8.80 7.22
C ASP A 39 -16.93 8.70 6.53
N ALA A 40 -16.94 8.12 5.35
CA ALA A 40 -15.70 7.95 4.58
C ALA A 40 -15.06 9.29 4.27
N VAL A 41 -15.85 10.25 3.79
CA VAL A 41 -15.34 11.59 3.44
C VAL A 41 -14.82 12.31 4.70
N LYS A 42 -15.50 12.09 5.80
CA LYS A 42 -15.13 12.66 7.10
C LYS A 42 -13.76 12.11 7.53
N HIS A 43 -13.68 10.79 7.43
CA HIS A 43 -12.45 10.05 7.80
C HIS A 43 -11.29 10.52 6.94
N ALA A 44 -11.51 10.68 5.64
CA ALA A 44 -10.48 11.15 4.70
C ALA A 44 -9.96 12.53 5.07
N ASN A 45 -10.91 13.39 5.44
CA ASN A 45 -10.65 14.78 5.81
C ASN A 45 -9.66 14.83 6.97
N LEU A 46 -9.94 14.03 7.99
CA LEU A 46 -9.06 13.97 9.17
C LEU A 46 -7.65 13.56 8.77
N MET A 47 -7.53 12.53 7.97
CA MET A 47 -6.24 11.98 7.50
C MET A 47 -5.44 13.01 6.75
N ILE A 48 -6.11 13.78 5.92
CA ILE A 48 -5.49 14.83 5.11
C ILE A 48 -4.95 15.95 6.00
N ASN A 49 -5.75 16.32 6.99
CA ASN A 49 -5.45 17.37 7.96
C ASN A 49 -4.28 16.93 8.86
N ALA A 50 -4.22 15.64 9.13
CA ALA A 50 -3.14 15.05 9.96
C ALA A 50 -1.83 14.99 9.18
N GLY A 51 -1.86 15.14 7.87
CA GLY A 51 -0.72 15.16 6.98
C GLY A 51 -0.57 14.06 5.94
N ALA A 52 -1.58 13.21 5.76
CA ALA A 52 -1.48 12.15 4.76
C ALA A 52 -1.42 12.83 3.37
N THR A 53 -0.58 12.28 2.53
CA THR A 53 -0.47 12.80 1.15
C THR A 53 -1.08 11.85 0.11
N ILE A 54 -1.39 10.64 0.56
CA ILE A 54 -2.03 9.58 -0.22
C ILE A 54 -3.08 8.84 0.64
N ILE A 55 -4.17 8.45 0.03
CA ILE A 55 -5.22 7.70 0.76
C ILE A 55 -5.43 6.36 0.04
N ASP A 56 -5.37 5.27 0.82
CA ASP A 56 -5.56 3.95 0.15
C ASP A 56 -6.99 3.46 0.39
N VAL A 57 -7.77 3.47 -0.69
CA VAL A 57 -9.17 3.05 -0.67
C VAL A 57 -9.31 1.61 -1.12
N GLY A 58 -9.86 0.80 -0.19
CA GLY A 58 -10.03 -0.64 -0.45
C GLY A 58 -11.41 -1.13 -0.10
N GLY A 59 -11.98 -1.94 -0.99
CA GLY A 59 -13.34 -2.45 -0.74
C GLY A 59 -13.32 -3.93 -0.34
N GLU A 60 -12.13 -4.51 -0.23
CA GLU A 60 -12.02 -5.92 0.14
C GLU A 60 -11.01 -6.07 1.27
N SER A 61 -11.31 -6.88 2.25
CA SER A 61 -10.42 -7.12 3.38
C SER A 61 -9.37 -8.15 2.95
N THR A 62 -8.13 -7.93 3.33
CA THR A 62 -7.12 -8.96 2.92
C THR A 62 -6.56 -9.64 4.15
N ARG A 63 -7.38 -9.73 5.20
CA ARG A 63 -6.94 -10.39 6.46
C ARG A 63 -7.29 -11.86 6.39
N PRO A 64 -6.60 -12.70 7.16
CA PRO A 64 -6.84 -14.14 7.19
C PRO A 64 -8.31 -14.44 7.47
N GLY A 65 -8.89 -15.30 6.67
CA GLY A 65 -10.30 -15.69 6.81
C GLY A 65 -11.29 -14.72 6.21
N ALA A 66 -10.83 -13.64 5.61
CA ALA A 66 -11.72 -12.62 5.02
C ALA A 66 -12.57 -13.17 3.87
N ALA A 67 -13.77 -12.63 3.75
CA ALA A 67 -14.71 -13.07 2.69
C ALA A 67 -14.28 -12.48 1.35
N GLU A 68 -14.80 -13.10 0.31
CA GLU A 68 -14.57 -12.63 -1.07
C GLU A 68 -15.63 -11.58 -1.30
N VAL A 69 -15.34 -10.56 -2.08
CA VAL A 69 -16.34 -9.51 -2.35
C VAL A 69 -16.67 -9.59 -3.84
N SER A 70 -17.91 -9.38 -4.21
CA SER A 70 -18.31 -9.44 -5.64
C SER A 70 -17.93 -8.13 -6.33
N VAL A 71 -17.82 -8.18 -7.65
CA VAL A 71 -17.46 -6.99 -8.44
C VAL A 71 -18.49 -5.88 -8.17
N GLU A 72 -19.73 -6.32 -8.03
CA GLU A 72 -20.84 -5.41 -7.77
C GLU A 72 -20.72 -4.72 -6.42
N GLU A 73 -20.42 -5.51 -5.41
CA GLU A 73 -20.26 -5.01 -4.04
C GLU A 73 -19.10 -4.04 -3.98
N GLU A 74 -18.03 -4.44 -4.66
CA GLU A 74 -16.81 -3.60 -4.69
C GLU A 74 -17.07 -2.29 -5.41
N LEU A 75 -17.65 -2.41 -6.60
CA LEU A 75 -17.97 -1.25 -7.44
C LEU A 75 -18.84 -0.24 -6.70
N GLN A 76 -19.83 -0.73 -6.00
CA GLN A 76 -20.82 0.01 -5.22
C GLN A 76 -20.21 0.87 -4.11
N ARG A 77 -19.10 0.40 -3.56
CA ARG A 77 -18.46 1.11 -2.43
C ARG A 77 -17.28 1.98 -2.77
N VAL A 78 -16.36 1.42 -3.54
CA VAL A 78 -15.13 2.12 -3.92
C VAL A 78 -15.31 3.33 -4.83
N ILE A 79 -16.06 3.17 -5.92
CA ILE A 79 -16.23 4.24 -6.92
C ILE A 79 -16.77 5.54 -6.35
N PRO A 80 -17.89 5.50 -5.67
CA PRO A 80 -18.48 6.69 -5.06
C PRO A 80 -17.49 7.36 -4.13
N VAL A 81 -16.75 6.56 -3.33
CA VAL A 81 -15.77 7.13 -2.38
C VAL A 81 -14.64 7.80 -3.14
N VAL A 82 -14.04 7.11 -4.08
CA VAL A 82 -12.92 7.67 -4.87
C VAL A 82 -13.34 9.01 -5.50
N GLU A 83 -14.50 9.05 -6.11
CA GLU A 83 -15.03 10.26 -6.76
C GLU A 83 -15.27 11.43 -5.82
N ALA A 84 -15.89 11.17 -4.67
CA ALA A 84 -16.17 12.23 -3.70
C ALA A 84 -14.87 12.87 -3.19
N ILE A 85 -13.83 12.05 -3.04
CA ILE A 85 -12.55 12.56 -2.54
C ILE A 85 -11.82 13.37 -3.61
N ALA A 86 -11.82 12.81 -4.80
CA ALA A 86 -11.15 13.43 -5.95
C ALA A 86 -11.76 14.81 -6.21
N GLN A 87 -13.07 14.88 -6.05
CA GLN A 87 -13.80 16.14 -6.28
C GLN A 87 -13.52 17.21 -5.23
N ARG A 88 -13.37 16.74 -4.00
CA ARG A 88 -13.17 17.59 -2.83
C ARG A 88 -11.75 17.93 -2.47
N PHE A 89 -10.81 17.00 -2.55
CA PHE A 89 -9.43 17.32 -2.13
C PHE A 89 -8.37 17.10 -3.20
N GLU A 90 -7.18 17.59 -2.85
CA GLU A 90 -6.01 17.49 -3.72
C GLU A 90 -5.10 16.29 -3.45
N VAL A 91 -5.47 15.44 -2.51
CA VAL A 91 -4.67 14.25 -2.19
C VAL A 91 -4.55 13.29 -3.38
N TRP A 92 -3.54 12.44 -3.23
CA TRP A 92 -3.35 11.36 -4.23
C TRP A 92 -4.26 10.25 -3.70
N ILE A 93 -4.86 9.48 -4.59
CA ILE A 93 -5.75 8.40 -4.19
C ILE A 93 -5.26 7.09 -4.78
N SER A 94 -5.03 6.09 -3.93
CA SER A 94 -4.60 4.81 -4.58
C SER A 94 -5.79 3.88 -4.31
N VAL A 95 -6.03 2.99 -5.25
CA VAL A 95 -7.13 2.04 -5.16
C VAL A 95 -6.54 0.64 -4.94
N ASP A 96 -6.97 0.07 -3.85
CA ASP A 96 -6.57 -1.28 -3.41
C ASP A 96 -7.64 -2.27 -3.86
N THR A 97 -7.46 -2.86 -5.01
CA THR A 97 -8.36 -3.80 -5.66
C THR A 97 -7.58 -4.73 -6.59
N SER A 98 -8.14 -5.84 -7.01
CA SER A 98 -7.52 -6.81 -7.90
C SER A 98 -8.38 -7.10 -9.15
N LYS A 99 -9.54 -6.50 -9.16
CA LYS A 99 -10.57 -6.65 -10.21
C LYS A 99 -10.46 -5.62 -11.33
N PRO A 100 -10.41 -6.09 -12.56
CA PRO A 100 -10.25 -5.22 -13.74
C PRO A 100 -11.34 -4.17 -13.87
N GLU A 101 -12.59 -4.49 -13.56
CA GLU A 101 -13.65 -3.45 -13.69
C GLU A 101 -13.43 -2.34 -12.69
N VAL A 102 -12.92 -2.71 -11.51
CA VAL A 102 -12.67 -1.69 -10.45
C VAL A 102 -11.46 -0.84 -10.86
N ILE A 103 -10.49 -1.45 -11.49
CA ILE A 103 -9.30 -0.72 -11.98
C ILE A 103 -9.78 0.33 -13.00
N ARG A 104 -10.45 -0.20 -14.03
CA ARG A 104 -10.99 0.66 -15.09
C ARG A 104 -11.90 1.75 -14.57
N GLU A 105 -12.89 1.39 -13.75
CA GLU A 105 -13.85 2.38 -13.23
C GLU A 105 -13.16 3.38 -12.31
N SER A 106 -12.06 2.95 -11.67
CA SER A 106 -11.32 3.85 -10.79
C SER A 106 -10.52 4.92 -11.53
N ALA A 107 -9.92 4.54 -12.65
CA ALA A 107 -9.09 5.54 -13.35
C ALA A 107 -10.01 6.71 -13.74
N LYS A 108 -11.15 6.33 -14.30
CA LYS A 108 -12.15 7.32 -14.77
C LYS A 108 -12.61 8.30 -13.72
N VAL A 109 -12.66 7.92 -12.45
CA VAL A 109 -13.12 8.92 -11.46
C VAL A 109 -11.95 9.64 -10.79
N GLY A 110 -10.73 9.50 -11.28
CA GLY A 110 -9.60 10.19 -10.67
C GLY A 110 -8.62 9.51 -9.74
N ALA A 111 -8.57 8.20 -9.70
CA ALA A 111 -7.60 7.47 -8.83
C ALA A 111 -6.21 7.70 -9.39
N HIS A 112 -5.16 7.75 -8.57
CA HIS A 112 -3.82 8.00 -9.11
C HIS A 112 -2.95 6.76 -9.14
N ILE A 113 -3.18 5.84 -8.20
CA ILE A 113 -2.37 4.62 -8.11
C ILE A 113 -3.21 3.34 -7.98
N ILE A 114 -2.76 2.31 -8.66
CA ILE A 114 -3.37 1.01 -8.63
C ILE A 114 -2.52 0.19 -7.61
N ASN A 115 -3.06 -0.04 -6.46
CA ASN A 115 -2.34 -0.86 -5.42
C ASN A 115 -2.95 -2.23 -5.36
N ASP A 116 -2.45 -3.15 -6.15
CA ASP A 116 -3.02 -4.52 -6.18
C ASP A 116 -2.11 -5.44 -5.38
N ILE A 117 -2.58 -5.88 -4.22
CA ILE A 117 -1.66 -6.80 -3.48
C ILE A 117 -1.42 -8.07 -4.27
N ARG A 118 -2.28 -8.36 -5.23
CA ARG A 118 -2.16 -9.60 -6.04
C ARG A 118 -1.29 -9.39 -7.27
N SER A 119 -0.74 -8.20 -7.37
CA SER A 119 0.15 -7.88 -8.49
C SER A 119 -0.44 -8.15 -9.86
N LEU A 120 -1.69 -7.79 -10.08
CA LEU A 120 -2.37 -7.97 -11.37
C LEU A 120 -2.36 -9.41 -11.86
N SER A 121 -2.60 -10.36 -10.96
CA SER A 121 -2.55 -11.77 -11.39
C SER A 121 -3.90 -12.31 -11.82
N GLU A 122 -4.95 -11.59 -11.46
CA GLU A 122 -6.33 -11.99 -11.84
C GLU A 122 -6.53 -11.78 -13.33
N PRO A 123 -7.25 -12.71 -13.95
CA PRO A 123 -7.54 -12.63 -15.39
C PRO A 123 -8.08 -11.25 -15.75
N GLY A 124 -7.40 -10.62 -16.68
CA GLY A 124 -7.72 -9.30 -17.22
C GLY A 124 -7.19 -8.11 -16.45
N ALA A 125 -6.57 -8.36 -15.30
CA ALA A 125 -6.06 -7.22 -14.50
C ALA A 125 -4.89 -6.51 -15.15
N LEU A 126 -3.94 -7.25 -15.72
CA LEU A 126 -2.75 -6.68 -16.36
C LEU A 126 -3.12 -5.72 -17.48
N GLU A 127 -4.05 -6.17 -18.30
CA GLU A 127 -4.53 -5.40 -19.47
C GLU A 127 -5.29 -4.15 -19.07
N ALA A 128 -6.08 -4.26 -18.01
CA ALA A 128 -6.86 -3.11 -17.51
C ALA A 128 -5.94 -2.04 -16.93
N ALA A 129 -4.88 -2.50 -16.28
CA ALA A 129 -3.90 -1.60 -15.65
C ALA A 129 -3.16 -0.81 -16.73
N ALA A 130 -2.66 -1.56 -17.70
CA ALA A 130 -1.92 -1.00 -18.84
C ALA A 130 -2.76 0.09 -19.51
N GLU A 131 -4.01 -0.26 -19.78
CA GLU A 131 -4.91 0.68 -20.46
C GLU A 131 -5.02 2.02 -19.73
N THR A 132 -5.00 1.99 -18.41
CA THR A 132 -5.16 3.21 -17.62
C THR A 132 -3.91 4.11 -17.62
N GLY A 133 -2.77 3.49 -17.78
CA GLY A 133 -1.49 4.18 -17.80
C GLY A 133 -1.11 4.75 -16.44
N LEU A 134 -1.82 4.31 -15.40
CA LEU A 134 -1.54 4.76 -14.03
C LEU A 134 -0.38 3.94 -13.45
N PRO A 135 0.26 4.49 -12.44
CA PRO A 135 1.34 3.81 -11.71
C PRO A 135 0.75 2.57 -11.04
N VAL A 136 1.51 1.50 -10.95
CA VAL A 136 1.06 0.25 -10.31
C VAL A 136 2.00 -0.22 -9.19
N CYS A 137 1.46 -0.61 -8.03
CA CYS A 137 2.32 -1.14 -6.94
C CYS A 137 2.29 -2.67 -7.01
N LEU A 138 3.47 -3.27 -7.02
CA LEU A 138 3.64 -4.73 -7.11
C LEU A 138 4.04 -5.21 -5.72
N MET A 139 3.33 -6.19 -5.20
CA MET A 139 3.62 -6.72 -3.86
C MET A 139 3.98 -8.20 -3.89
N HIS A 140 4.96 -8.57 -3.07
CA HIS A 140 5.39 -9.96 -2.93
C HIS A 140 4.46 -10.66 -1.94
N MET A 141 4.06 -11.84 -2.37
CA MET A 141 3.20 -12.69 -1.54
C MET A 141 3.34 -14.16 -1.98
N GLN A 142 3.34 -14.99 -0.96
CA GLN A 142 3.42 -16.45 -1.08
C GLN A 142 2.05 -16.95 -0.61
N GLY A 143 1.29 -17.54 -1.52
CA GLY A 143 -0.02 -18.08 -1.20
C GLY A 143 -1.22 -17.18 -1.44
N ASN A 144 -2.22 -17.46 -0.63
CA ASN A 144 -3.51 -16.72 -0.66
C ASN A 144 -3.51 -15.80 0.56
N PRO A 145 -3.74 -14.53 0.31
CA PRO A 145 -3.75 -13.52 1.38
C PRO A 145 -4.63 -13.92 2.55
N LYS A 146 -5.83 -14.34 2.23
CA LYS A 146 -6.85 -14.74 3.19
C LYS A 146 -6.77 -16.15 3.73
N THR A 147 -5.59 -16.72 3.80
CA THR A 147 -5.42 -18.08 4.34
C THR A 147 -4.99 -18.01 5.81
N MET A 148 -5.66 -18.86 6.56
CA MET A 148 -5.45 -19.03 8.01
C MET A 148 -4.40 -20.13 8.14
N GLN A 149 -3.79 -20.37 7.00
CA GLN A 149 -2.74 -21.37 6.74
C GLN A 149 -1.41 -20.81 7.25
N GLU A 150 -0.44 -21.70 7.36
CA GLU A 150 0.89 -21.32 7.84
C GLU A 150 1.78 -20.80 6.73
N ALA A 151 2.75 -20.02 7.19
CA ALA A 151 3.77 -19.36 6.38
C ALA A 151 4.69 -20.38 5.74
N PRO A 152 4.98 -20.08 4.48
CA PRO A 152 5.87 -20.97 3.71
C PRO A 152 7.20 -20.95 4.46
N LYS A 153 8.04 -21.76 3.88
CA LYS A 153 9.43 -21.97 4.24
C LYS A 153 10.09 -21.24 3.05
N TYR A 154 11.23 -20.67 3.25
CA TYR A 154 11.98 -20.01 2.18
C TYR A 154 13.42 -20.52 2.33
N ASP A 155 14.06 -20.62 1.19
CA ASP A 155 15.47 -21.02 1.16
C ASP A 155 16.20 -19.84 1.82
N ASP A 156 15.74 -18.68 1.33
CA ASP A 156 16.22 -17.36 1.74
C ASP A 156 15.10 -16.39 1.28
N VAL A 157 14.40 -15.82 2.22
CA VAL A 157 13.27 -14.92 1.91
C VAL A 157 13.68 -13.71 1.08
N PHE A 158 14.82 -13.11 1.40
CA PHE A 158 15.24 -11.92 0.62
C PHE A 158 15.55 -12.29 -0.83
N ALA A 159 16.18 -13.42 -1.07
CA ALA A 159 16.54 -13.78 -2.46
C ALA A 159 15.26 -14.07 -3.25
N GLU A 160 14.32 -14.70 -2.56
CA GLU A 160 13.03 -15.04 -3.21
C GLU A 160 12.25 -13.77 -3.58
N VAL A 161 12.25 -12.78 -2.72
CA VAL A 161 11.53 -11.51 -2.99
C VAL A 161 12.15 -10.76 -4.14
N ASN A 162 13.47 -10.73 -4.15
CA ASN A 162 14.27 -10.09 -5.21
C ASN A 162 13.90 -10.74 -6.55
N ARG A 163 14.03 -12.07 -6.59
CA ARG A 163 13.73 -12.76 -7.87
C ARG A 163 12.29 -12.56 -8.30
N TYR A 164 11.33 -12.52 -7.41
CA TYR A 164 9.91 -12.29 -7.71
C TYR A 164 9.74 -10.94 -8.40
N PHE A 165 10.41 -9.95 -7.83
CA PHE A 165 10.38 -8.58 -8.35
C PHE A 165 10.92 -8.59 -9.79
N ILE A 166 12.07 -9.23 -10.01
CA ILE A 166 12.63 -9.26 -11.39
C ILE A 166 11.59 -9.81 -12.37
N GLU A 167 10.97 -10.92 -11.99
CA GLU A 167 9.95 -11.59 -12.81
C GLU A 167 8.72 -10.75 -13.07
N GLN A 168 8.24 -10.04 -12.05
CA GLN A 168 7.03 -9.21 -12.19
C GLN A 168 7.27 -7.95 -13.01
N ILE A 169 8.43 -7.33 -12.87
CA ILE A 169 8.80 -6.14 -13.65
C ILE A 169 8.77 -6.49 -15.14
N ALA A 170 9.28 -7.67 -15.42
CA ALA A 170 9.37 -8.23 -16.79
C ALA A 170 7.98 -8.41 -17.41
N ARG A 171 7.14 -9.03 -16.62
CA ARG A 171 5.72 -9.32 -16.98
C ARG A 171 5.01 -8.02 -17.33
N CYS A 172 5.31 -6.98 -16.58
CA CYS A 172 4.70 -5.64 -16.77
C CYS A 172 5.14 -4.94 -18.06
N GLU A 173 6.43 -5.02 -18.32
CA GLU A 173 6.99 -4.38 -19.52
C GLU A 173 6.44 -5.07 -20.74
N GLN A 174 6.43 -6.39 -20.71
CA GLN A 174 5.88 -7.18 -21.83
C GLN A 174 4.43 -6.78 -22.11
N ALA A 175 3.71 -6.32 -21.11
CA ALA A 175 2.32 -5.89 -21.27
C ALA A 175 2.17 -4.41 -21.58
N GLY A 176 3.27 -3.67 -21.64
CA GLY A 176 3.19 -2.24 -21.97
C GLY A 176 3.41 -1.28 -20.84
N ILE A 177 3.52 -1.77 -19.61
CA ILE A 177 3.71 -0.92 -18.44
C ILE A 177 5.20 -0.64 -18.20
N ALA A 178 5.58 0.59 -18.48
CA ALA A 178 6.96 1.05 -18.32
C ALA A 178 7.45 0.88 -16.88
N LYS A 179 8.64 0.31 -16.78
CA LYS A 179 9.28 0.10 -15.48
C LYS A 179 9.15 1.35 -14.61
N GLU A 180 9.22 2.52 -15.25
CA GLU A 180 9.11 3.79 -14.51
C GLU A 180 7.75 4.07 -13.93
N LYS A 181 6.82 3.17 -14.16
CA LYS A 181 5.47 3.38 -13.56
C LYS A 181 5.28 2.43 -12.36
N LEU A 182 6.29 1.67 -12.00
CA LEU A 182 6.11 0.72 -10.88
C LEU A 182 6.61 1.17 -9.51
N LEU A 183 5.99 0.62 -8.48
CA LEU A 183 6.37 0.79 -7.06
C LEU A 183 6.50 -0.69 -6.59
N LEU A 184 7.43 -0.96 -5.72
CA LEU A 184 7.71 -2.28 -5.19
C LEU A 184 7.39 -2.27 -3.69
N ASP A 185 6.86 -3.40 -3.24
CA ASP A 185 6.48 -3.59 -1.82
C ASP A 185 6.77 -5.04 -1.41
N PRO A 186 7.62 -5.26 -0.42
CA PRO A 186 7.98 -6.62 0.01
C PRO A 186 6.84 -7.43 0.60
N GLY A 187 5.75 -6.79 0.94
CA GLY A 187 4.55 -7.45 1.47
C GLY A 187 4.74 -8.06 2.85
N PHE A 188 4.96 -7.19 3.84
CA PHE A 188 5.09 -7.67 5.24
C PHE A 188 3.80 -8.36 5.67
N GLY A 189 4.00 -9.51 6.37
CA GLY A 189 2.86 -10.26 6.90
C GLY A 189 2.27 -11.16 5.83
N PHE A 190 2.70 -11.11 4.58
CA PHE A 190 2.02 -12.01 3.59
C PHE A 190 2.83 -13.23 3.22
N GLY A 191 2.52 -14.37 3.81
CA GLY A 191 3.27 -15.61 3.54
C GLY A 191 4.68 -15.49 4.12
N LYS A 192 4.76 -14.84 5.27
CA LYS A 192 6.00 -14.59 6.03
C LYS A 192 5.85 -14.79 7.52
N ASN A 193 6.75 -15.53 8.17
CA ASN A 193 6.65 -15.67 9.66
C ASN A 193 7.37 -14.45 10.25
N LEU A 194 7.46 -14.36 11.57
CA LEU A 194 8.11 -13.28 12.32
C LEU A 194 9.54 -13.04 11.83
N SER A 195 10.31 -14.11 11.77
CA SER A 195 11.71 -14.05 11.31
C SER A 195 11.89 -13.46 9.91
N HIS A 196 11.06 -13.95 8.99
CA HIS A 196 11.14 -13.49 7.60
C HIS A 196 10.86 -11.98 7.55
N ASN A 197 9.86 -11.54 8.32
CA ASN A 197 9.46 -10.13 8.29
C ASN A 197 10.60 -9.25 8.79
N TYR A 198 11.24 -9.63 9.88
CA TYR A 198 12.35 -8.77 10.39
C TYR A 198 13.57 -8.86 9.49
N SER A 199 13.69 -9.94 8.75
CA SER A 199 14.84 -10.04 7.81
C SER A 199 14.62 -9.05 6.66
N LEU A 200 13.37 -8.98 6.20
CA LEU A 200 13.00 -8.06 5.07
C LEU A 200 13.21 -6.62 5.50
N LEU A 201 12.82 -6.27 6.71
CA LEU A 201 12.98 -4.89 7.24
C LEU A 201 14.47 -4.55 7.46
N ALA A 202 15.24 -5.49 7.99
CA ALA A 202 16.67 -5.25 8.26
C ALA A 202 17.41 -4.86 6.99
N ARG A 203 17.07 -5.50 5.90
CA ARG A 203 17.70 -5.32 4.58
C ARG A 203 16.91 -4.50 3.57
N LEU A 204 15.95 -3.70 3.99
CA LEU A 204 15.13 -2.90 3.08
C LEU A 204 15.96 -2.05 2.11
N ALA A 205 17.00 -1.46 2.64
CA ALA A 205 17.89 -0.58 1.88
C ALA A 205 18.46 -1.29 0.66
N GLU A 206 18.61 -2.62 0.75
CA GLU A 206 19.18 -3.30 -0.44
C GLU A 206 18.23 -3.37 -1.62
N PHE A 207 16.96 -3.10 -1.49
CA PHE A 207 15.97 -3.14 -2.58
C PHE A 207 16.05 -1.89 -3.47
N HIS A 208 16.92 -0.95 -3.13
CA HIS A 208 17.10 0.27 -3.91
C HIS A 208 17.87 -0.03 -5.20
N HIS A 209 18.47 -1.22 -5.27
CA HIS A 209 19.23 -1.61 -6.48
C HIS A 209 18.31 -1.56 -7.70
N PHE A 210 16.99 -1.63 -7.54
CA PHE A 210 16.03 -1.57 -8.63
C PHE A 210 15.77 -0.13 -9.14
N ASN A 211 16.07 0.82 -8.27
CA ASN A 211 15.88 2.24 -8.60
C ASN A 211 14.40 2.55 -8.80
N LEU A 212 13.57 1.95 -7.98
CA LEU A 212 12.10 2.19 -8.07
C LEU A 212 11.63 2.57 -6.67
N PRO A 213 10.52 3.29 -6.57
CA PRO A 213 9.99 3.66 -5.27
C PRO A 213 9.65 2.38 -4.50
N LEU A 214 9.78 2.46 -3.20
CA LEU A 214 9.47 1.37 -2.28
C LEU A 214 8.29 1.80 -1.42
N LEU A 215 7.29 0.98 -1.36
CA LEU A 215 6.09 1.19 -0.51
C LEU A 215 6.09 0.08 0.55
N VAL A 216 5.76 0.37 1.79
CA VAL A 216 5.80 -0.66 2.87
C VAL A 216 4.54 -0.51 3.73
N GLY A 217 4.08 -1.57 4.39
CA GLY A 217 2.86 -1.54 5.19
C GLY A 217 3.04 -2.55 6.35
N MET A 218 3.38 -2.00 7.48
CA MET A 218 3.61 -2.80 8.71
C MET A 218 2.62 -2.43 9.79
N SER A 219 1.83 -1.40 9.57
CA SER A 219 0.87 -0.89 10.58
C SER A 219 -0.01 -1.93 11.27
N ARG A 220 0.17 -2.03 12.59
CA ARG A 220 -0.57 -2.92 13.48
C ARG A 220 -0.54 -4.38 13.07
N LYS A 221 0.42 -4.75 12.24
CA LYS A 221 0.50 -6.15 11.77
C LYS A 221 1.06 -7.07 12.86
N SER A 222 0.93 -8.33 12.48
CA SER A 222 1.35 -9.49 13.28
C SER A 222 2.79 -9.46 13.72
N MET A 223 3.69 -9.04 12.85
CA MET A 223 5.11 -8.93 13.10
C MET A 223 5.35 -8.09 14.37
N ILE A 224 4.41 -7.24 14.70
CA ILE A 224 4.52 -6.41 15.92
C ILE A 224 3.81 -7.07 17.09
N GLY A 225 2.57 -7.43 16.85
CA GLY A 225 1.69 -8.04 17.85
C GLY A 225 2.32 -9.29 18.44
N GLN A 226 2.97 -10.09 17.61
CA GLN A 226 3.64 -11.31 18.06
C GLN A 226 4.88 -11.04 18.90
N LEU A 227 5.67 -10.09 18.41
CA LEU A 227 6.92 -9.71 19.05
C LEU A 227 6.70 -9.16 20.46
N LEU A 228 5.77 -8.24 20.58
CA LEU A 228 5.52 -7.60 21.88
C LEU A 228 4.44 -8.30 22.69
N ASN A 229 3.69 -9.15 22.02
CA ASN A 229 2.58 -9.90 22.62
C ASN A 229 1.50 -8.92 23.09
N VAL A 230 0.98 -8.13 22.17
CA VAL A 230 -0.07 -7.15 22.47
C VAL A 230 -1.20 -7.28 21.44
N GLY A 231 -2.37 -6.80 21.78
CA GLY A 231 -3.56 -6.81 20.91
C GLY A 231 -3.39 -5.72 19.83
N PRO A 232 -4.27 -5.76 18.86
CA PRO A 232 -4.28 -4.82 17.72
C PRO A 232 -4.33 -3.34 18.06
N SER A 233 -5.03 -2.99 19.13
CA SER A 233 -5.20 -1.58 19.53
C SER A 233 -4.11 -1.06 20.44
N GLU A 234 -3.13 -1.89 20.74
CA GLU A 234 -2.00 -1.52 21.59
C GLU A 234 -0.68 -1.59 20.82
N ARG A 235 -0.76 -1.43 19.50
CA ARG A 235 0.48 -1.54 18.70
C ARG A 235 1.04 -0.25 18.13
N LEU A 236 0.65 0.91 18.62
CA LEU A 236 1.16 2.17 18.07
C LEU A 236 2.66 2.33 18.19
N SER A 237 3.27 2.14 19.36
CA SER A 237 4.73 2.31 19.50
C SER A 237 5.56 1.43 18.56
N GLY A 238 5.15 0.19 18.39
CA GLY A 238 5.83 -0.79 17.54
C GLY A 238 5.67 -0.39 16.08
N SER A 239 4.44 0.01 15.82
CA SER A 239 4.07 0.48 14.48
C SER A 239 4.99 1.64 14.14
N LEU A 240 5.12 2.60 15.06
CA LEU A 240 5.96 3.76 14.79
C LEU A 240 7.43 3.37 14.54
N ALA A 241 7.90 2.43 15.38
CA ALA A 241 9.32 2.01 15.19
C ALA A 241 9.56 1.42 13.84
N CYS A 242 8.64 0.60 13.35
CA CYS A 242 8.78 -0.02 12.00
C CYS A 242 8.76 1.10 10.96
N ALA A 243 7.81 2.06 11.11
CA ALA A 243 7.83 3.16 10.07
C ALA A 243 9.17 3.90 10.03
N VAL A 244 9.72 4.22 11.20
CA VAL A 244 11.01 4.94 11.30
C VAL A 244 12.15 4.12 10.70
N ILE A 245 12.25 2.84 11.04
CA ILE A 245 13.33 2.01 10.50
C ILE A 245 13.28 1.96 8.99
N ALA A 246 12.05 1.84 8.45
CA ALA A 246 11.88 1.76 6.99
C ALA A 246 12.26 3.09 6.32
N ALA A 247 11.71 4.17 6.84
CA ALA A 247 11.97 5.53 6.32
C ALA A 247 13.46 5.89 6.39
N MET A 248 14.06 5.55 7.53
CA MET A 248 15.49 5.79 7.70
C MET A 248 16.28 5.07 6.60
N GLN A 249 15.73 4.00 6.07
CA GLN A 249 16.42 3.23 5.00
C GLN A 249 15.99 3.70 3.61
N GLY A 250 15.25 4.80 3.61
CA GLY A 250 14.78 5.41 2.38
C GLY A 250 13.49 4.93 1.76
N ALA A 251 12.61 4.28 2.51
CA ALA A 251 11.33 3.84 1.95
C ALA A 251 10.63 5.14 1.55
N HIS A 252 9.87 5.13 0.47
CA HIS A 252 9.23 6.40 0.05
C HIS A 252 7.77 6.55 0.46
N ILE A 253 7.03 5.48 0.63
CA ILE A 253 5.61 5.58 1.02
C ILE A 253 5.37 4.58 2.18
N ILE A 254 4.72 5.00 3.23
CA ILE A 254 4.42 4.20 4.43
C ILE A 254 2.92 4.06 4.61
N ARG A 255 2.37 2.87 4.56
CA ARG A 255 0.90 2.69 4.69
C ARG A 255 0.56 2.54 6.15
N VAL A 256 -0.35 3.42 6.63
CA VAL A 256 -0.60 3.29 8.08
C VAL A 256 -2.03 3.60 8.45
N HIS A 257 -2.30 3.27 9.69
CA HIS A 257 -3.64 3.55 10.25
C HIS A 257 -3.56 4.82 11.10
N ASP A 258 -2.42 5.02 11.77
CA ASP A 258 -2.28 6.19 12.67
C ASP A 258 -1.52 7.28 11.95
N VAL A 259 -2.28 8.06 11.18
CA VAL A 259 -1.66 9.11 10.37
C VAL A 259 -0.96 10.20 11.15
N LYS A 260 -1.65 10.82 12.10
CA LYS A 260 -1.01 11.94 12.83
C LYS A 260 0.39 11.65 13.38
N GLU A 261 0.43 10.58 14.14
CA GLU A 261 1.66 10.10 14.81
C GLU A 261 2.79 9.76 13.88
N THR A 262 2.50 9.09 12.76
CA THR A 262 3.49 8.69 11.75
C THR A 262 4.07 9.91 11.04
N VAL A 263 3.17 10.86 10.76
CA VAL A 263 3.61 12.14 10.12
C VAL A 263 4.63 12.83 11.03
N GLU A 264 4.35 12.90 12.33
CA GLU A 264 5.30 13.52 13.28
C GLU A 264 6.66 12.84 13.28
N ALA A 265 6.60 11.51 13.41
CA ALA A 265 7.78 10.67 13.36
C ALA A 265 8.52 10.91 12.04
N MET A 266 7.79 11.03 10.93
CA MET A 266 8.45 11.22 9.62
C MET A 266 9.15 12.58 9.57
N ARG A 267 8.56 13.54 10.26
CA ARG A 267 9.18 14.90 10.32
C ARG A 267 10.52 14.81 11.02
N VAL A 268 10.64 13.91 12.01
CA VAL A 268 11.92 13.76 12.70
C VAL A 268 12.91 13.08 11.75
N VAL A 269 12.44 12.03 11.06
CA VAL A 269 13.36 11.34 10.12
C VAL A 269 13.88 12.31 9.05
N GLU A 270 12.98 13.15 8.53
CA GLU A 270 13.40 14.10 7.47
C GLU A 270 14.48 15.06 7.98
N ALA A 271 14.30 15.54 9.21
CA ALA A 271 15.30 16.47 9.80
C ALA A 271 16.66 15.80 9.88
N THR A 272 16.66 14.54 10.28
CA THR A 272 17.86 13.72 10.40
C THR A 272 18.55 13.40 9.08
N LEU A 273 17.79 12.87 8.11
CA LEU A 273 18.34 12.52 6.81
C LEU A 273 18.89 13.78 6.12
N SER A 274 18.29 14.92 6.39
CA SER A 274 18.78 16.12 5.67
C SER A 274 20.14 16.55 6.21
N ALA A 275 20.47 16.09 7.41
CA ALA A 275 21.78 16.41 8.01
C ALA A 275 22.78 15.28 7.74
N LYS A 276 22.30 14.21 7.13
CA LYS A 276 23.06 13.00 6.78
C LYS A 276 23.70 13.11 5.40
N GLU A 277 25.03 13.16 5.42
CA GLU A 277 25.82 13.30 4.19
C GLU A 277 25.16 12.59 3.01
N ASN A 278 24.66 11.38 3.16
CA ASN A 278 24.04 10.69 2.01
C ASN A 278 22.56 10.35 2.05
N LYS A 279 21.75 11.00 2.87
CA LYS A 279 20.31 10.75 2.91
C LYS A 279 19.80 9.33 3.04
N ARG A 280 20.39 8.47 3.85
CA ARG A 280 19.90 7.10 4.02
C ARG A 280 20.87 6.31 4.91
N TYR A 281 20.31 5.42 5.68
CA TYR A 281 21.03 4.54 6.59
C TYR A 281 21.11 3.14 5.96
N GLU A 282 22.23 2.48 6.12
CA GLU A 282 22.45 1.13 5.60
C GLU A 282 23.31 0.30 6.57
#